data_1SUZ
#
_entry.id   1SUZ
#
_cell.length_a   47.410
_cell.length_b   48.790
_cell.length_c   63.400
_cell.angle_alpha   97.10
_cell.angle_beta   108.80
_cell.angle_gamma   107.30
#
_symmetry.space_group_name_H-M   'P 1'
#
loop_
_entity.id
_entity.type
_entity.pdbx_description
1 polymer "5'-D(*C*AP*AP*GP*AP*TP*AP*TP*CP*TP*T)-3'"
2 polymer 'Type II restriction enzyme EcoRV'
3 non-polymer 'MAGNESIUM ION'
4 non-polymer 'SODIUM ION'
5 water water
#
loop_
_entity_poly.entity_id
_entity_poly.type
_entity_poly.pdbx_seq_one_letter_code
_entity_poly.pdbx_strand_id
1 'polydeoxyribonucleotide' (DC)(DA)(DA)(DG)(DA)(DT)(DA)(DT)(DC)(DT)(DT) C,D
2 'polypeptide(L)'
;SLRSDLINALYDENQKYDVCGIISAEGKIYPLGSDTKVLSTIFELFSRPIINKIAEKHGYIVEEPKQQNHYPDFTLYKPS
EPNKKIAIDIATTYTNKENEKIKFTLGGYTSFIRNNTKNIVYPFDQYIAHWIIGYVYTRVATRKSSLKTYNINELNEIPK
PYKGVKVFLQDKWVIAGDLAGSGNTTNIGSIHAHYKDFVEGKGIFDSEDEFLDYWRNYERTSQLRNDKYNNISEYRNWIY
RGRK
;
A,B
#
loop_
_chem_comp.id
_chem_comp.type
_chem_comp.name
_chem_comp.formula
DA DNA linking 2'-DEOXYADENOSINE-5'-MONOPHOSPHATE 'C10 H14 N5 O6 P'
DC DNA linking 2'-DEOXYCYTIDINE-5'-MONOPHOSPHATE 'C9 H14 N3 O7 P'
DG DNA linking 2'-DEOXYGUANOSINE-5'-MONOPHOSPHATE 'C10 H14 N5 O7 P'
DT DNA linking THYMIDINE-5'-MONOPHOSPHATE 'C10 H15 N2 O8 P'
MG non-polymer 'MAGNESIUM ION' 'Mg 2'
NA non-polymer 'SODIUM ION' 'Na 1'
#
# COMPACT_ATOMS: atom_id res chain seq x y z
N SER C 1 27.92 2.88 17.33
CA SER C 1 27.45 1.59 16.73
C SER C 1 26.64 1.82 15.45
N LEU C 2 26.44 0.75 14.66
CA LEU C 2 25.63 0.87 13.44
C LEU C 2 24.24 1.40 13.88
N ARG C 3 23.70 0.80 14.91
CA ARG C 3 22.37 1.19 15.41
C ARG C 3 22.24 2.64 15.89
N SER C 4 23.16 3.10 16.72
CA SER C 4 23.05 4.47 17.18
C SER C 4 23.28 5.45 16.03
N ASP C 5 24.19 5.11 15.11
CA ASP C 5 24.47 5.94 13.94
C ASP C 5 23.24 5.99 13.01
N LEU C 6 22.58 4.86 12.88
CA LEU C 6 21.40 4.87 12.03
C LEU C 6 20.30 5.75 12.58
N ILE C 7 19.93 5.60 13.86
CA ILE C 7 18.82 6.42 14.38
C ILE C 7 19.23 7.89 14.39
N ASN C 8 20.50 8.19 14.68
CA ASN C 8 20.90 9.60 14.63
C ASN C 8 20.68 10.14 13.23
N ALA C 9 21.02 9.34 12.21
CA ALA C 9 20.88 9.81 10.83
C ALA C 9 19.41 9.98 10.40
N LEU C 10 18.57 9.06 10.83
CA LEU C 10 17.13 9.10 10.51
C LEU C 10 16.49 10.30 11.21
N TYR C 11 16.89 10.49 12.47
CA TYR C 11 16.37 11.56 13.27
C TYR C 11 16.74 12.90 12.64
N ASP C 12 18.01 13.01 12.27
CA ASP C 12 18.52 14.23 11.65
C ASP C 12 17.86 14.52 10.28
N GLU C 13 17.75 13.50 9.43
CA GLU C 13 17.18 13.68 8.12
C GLU C 13 15.73 14.13 8.29
N ASN C 14 15.02 13.52 9.24
CA ASN C 14 13.62 13.90 9.50
C ASN C 14 13.52 15.38 9.92
N GLN C 15 14.47 15.86 10.72
CA GLN C 15 14.39 17.24 11.14
C GLN C 15 14.75 18.21 10.02
N LYS C 16 15.64 17.79 9.14
CA LYS C 16 16.10 18.67 8.06
C LYS C 16 15.33 18.75 6.76
N TYR C 17 14.60 17.68 6.44
CA TYR C 17 13.89 17.64 5.17
C TYR C 17 12.44 17.30 5.31
N ASP C 18 11.63 17.97 4.48
CA ASP C 18 10.19 17.76 4.46
C ASP C 18 9.76 17.31 3.03
N VAL C 19 9.41 16.03 2.86
CA VAL C 19 8.99 15.55 1.55
C VAL C 19 7.71 16.28 1.15
N CYS C 20 7.60 16.72 -0.11
CA CYS C 20 6.41 17.49 -0.51
C CYS C 20 5.79 17.11 -1.85
N GLY C 21 6.38 16.14 -2.57
CA GLY C 21 5.79 15.73 -3.84
C GLY C 21 6.60 14.71 -4.61
N ILE C 22 6.06 14.28 -5.74
CA ILE C 22 6.81 13.34 -6.55
C ILE C 22 7.28 14.17 -7.72
N ILE C 23 8.51 13.99 -8.17
CA ILE C 23 8.99 14.85 -9.27
C ILE C 23 9.28 14.04 -10.50
N SER C 24 9.10 14.65 -11.68
CA SER C 24 9.34 13.95 -12.92
C SER C 24 10.70 14.44 -13.48
N ALA C 25 11.25 13.68 -14.42
CA ALA C 25 12.58 14.00 -14.97
C ALA C 25 12.54 15.36 -15.64
N GLU C 26 11.35 15.71 -16.14
CA GLU C 26 11.15 16.98 -16.80
C GLU C 26 10.98 18.15 -15.84
N GLY C 27 11.03 17.87 -14.53
CA GLY C 27 10.87 18.91 -13.51
C GLY C 27 9.47 19.21 -12.97
N LYS C 28 8.45 18.46 -13.40
CA LYS C 28 7.09 18.74 -12.92
C LYS C 28 6.86 18.01 -11.59
N ILE C 29 6.16 18.66 -10.66
CA ILE C 29 5.93 18.07 -9.36
C ILE C 29 4.43 17.88 -9.11
N TYR C 30 4.11 16.69 -8.56
CA TYR C 30 2.73 16.29 -8.26
C TYR C 30 2.68 16.17 -6.72
N PRO C 31 1.77 16.89 -6.08
CA PRO C 31 1.63 16.88 -4.62
C PRO C 31 1.28 15.53 -4.06
N LEU C 32 1.53 15.40 -2.77
CA LEU C 32 1.24 14.17 -2.02
C LEU C 32 -0.17 14.18 -1.48
N GLY C 33 -0.76 12.99 -1.35
CA GLY C 33 -2.10 12.86 -0.78
C GLY C 33 -1.84 12.57 0.68
N SER C 34 -2.85 12.69 1.53
CA SER C 34 -2.69 12.52 2.97
C SER C 34 -2.92 11.11 3.51
N ASP C 35 -3.40 10.24 2.63
CA ASP C 35 -3.68 8.87 3.01
C ASP C 35 -2.44 8.09 3.38
N THR C 36 -2.65 7.17 4.31
CA THR C 36 -1.59 6.36 4.81
C THR C 36 -0.80 5.55 3.79
N LYS C 37 -1.46 5.07 2.73
CA LYS C 37 -0.72 4.32 1.72
C LYS C 37 0.38 5.21 1.11
N VAL C 38 0.03 6.48 0.91
CA VAL C 38 0.94 7.44 0.30
C VAL C 38 2.11 7.72 1.23
N LEU C 39 1.76 8.08 2.46
CA LEU C 39 2.81 8.46 3.40
C LEU C 39 3.69 7.33 3.77
N SER C 40 3.13 6.11 3.89
CA SER C 40 3.92 4.93 4.19
C SER C 40 5.00 4.73 3.12
N THR C 41 4.61 4.83 1.88
CA THR C 41 5.52 4.67 0.77
C THR C 41 6.64 5.73 0.84
N ILE C 42 6.24 6.98 1.01
CA ILE C 42 7.19 8.09 1.01
C ILE C 42 8.22 7.90 2.15
N PHE C 43 7.76 7.55 3.36
CA PHE C 43 8.74 7.36 4.46
C PHE C 43 9.66 6.19 4.24
N GLU C 44 9.18 5.17 3.52
CA GLU C 44 10.03 4.06 3.20
C GLU C 44 11.09 4.57 2.17
N LEU C 45 10.66 5.37 1.18
CA LEU C 45 11.60 5.85 0.18
C LEU C 45 12.61 6.80 0.86
N PHE C 46 12.08 7.59 1.78
CA PHE C 46 12.90 8.57 2.52
C PHE C 46 14.01 7.89 3.33
N SER C 47 13.68 6.77 3.91
CA SER C 47 14.60 5.99 4.70
C SER C 47 15.71 5.25 3.95
N ARG C 48 15.44 4.79 2.72
CA ARG C 48 16.40 3.99 1.95
C ARG C 48 17.86 4.51 1.80
N PRO C 49 18.01 5.73 1.32
CA PRO C 49 19.36 6.27 1.16
C PRO C 49 20.11 6.39 2.49
N ILE C 50 19.38 6.72 3.54
CA ILE C 50 19.96 6.87 4.89
C ILE C 50 20.41 5.50 5.40
N ILE C 51 19.54 4.51 5.29
CA ILE C 51 19.95 3.19 5.71
C ILE C 51 21.21 2.73 4.94
N ASN C 52 21.28 3.02 3.66
CA ASN C 52 22.40 2.58 2.87
C ASN C 52 23.73 3.25 3.23
N LYS C 53 23.69 4.56 3.43
CA LYS C 53 24.85 5.35 3.78
C LYS C 53 25.45 4.87 5.10
N ILE C 54 24.59 4.70 6.09
CA ILE C 54 25.09 4.29 7.41
C ILE C 54 25.62 2.88 7.39
N ALA C 55 24.91 1.98 6.72
CA ALA C 55 25.31 0.56 6.61
C ALA C 55 26.72 0.45 5.98
N GLU C 56 26.90 1.16 4.87
CA GLU C 56 28.14 1.24 4.10
C GLU C 56 29.28 1.80 4.97
N LYS C 57 28.98 2.80 5.80
CA LYS C 57 30.00 3.41 6.68
C LYS C 57 30.52 2.36 7.65
N HIS C 58 29.70 1.37 7.92
CA HIS C 58 30.02 0.30 8.84
C HIS C 58 30.43 -1.03 8.20
N GLY C 59 30.55 -1.08 6.89
CA GLY C 59 30.95 -2.30 6.20
C GLY C 59 29.84 -3.31 5.98
N TYR C 60 28.59 -2.87 6.14
CA TYR C 60 27.48 -3.79 5.93
C TYR C 60 26.94 -3.72 4.52
N ILE C 61 26.57 -4.86 3.99
CA ILE C 61 25.91 -4.97 2.69
C ILE C 61 24.41 -4.71 2.99
N VAL C 62 23.69 -4.06 2.07
CA VAL C 62 22.25 -3.82 2.19
C VAL C 62 21.55 -4.53 1.04
N GLU C 63 20.58 -5.33 1.38
CA GLU C 63 19.84 -6.10 0.40
C GLU C 63 18.36 -5.90 0.60
N GLU C 64 17.65 -5.67 -0.48
CA GLU C 64 16.21 -5.50 -0.40
C GLU C 64 15.60 -6.77 -1.02
N PRO C 65 14.32 -7.09 -0.71
CA PRO C 65 13.67 -8.29 -1.26
C PRO C 65 13.60 -8.25 -2.80
N LYS C 66 13.77 -9.39 -3.46
CA LYS C 66 13.72 -9.43 -4.93
C LYS C 66 12.26 -9.66 -5.24
N GLN C 67 11.54 -10.10 -4.22
CA GLN C 67 10.15 -10.36 -4.41
C GLN C 67 9.28 -9.56 -3.51
N GLN C 68 8.15 -9.22 -4.09
CA GLN C 68 7.10 -8.51 -3.41
C GLN C 68 6.67 -9.54 -2.39
N ASN C 69 6.12 -9.06 -1.27
CA ASN C 69 5.60 -9.93 -0.20
C ASN C 69 6.63 -10.58 0.68
N HIS C 70 7.90 -10.23 0.50
CA HIS C 70 8.96 -10.81 1.31
C HIS C 70 9.52 -9.87 2.37
N TYR C 71 9.58 -10.33 3.61
CA TYR C 71 10.18 -9.54 4.70
C TYR C 71 11.68 -9.81 4.69
N PRO C 72 12.51 -8.84 5.08
CA PRO C 72 12.25 -7.47 5.54
C PRO C 72 12.59 -6.45 4.44
N ASP C 73 12.23 -5.19 4.63
CA ASP C 73 12.59 -4.17 3.63
C ASP C 73 14.09 -4.10 3.40
N PHE C 74 14.87 -4.26 4.46
CA PHE C 74 16.31 -4.19 4.37
C PHE C 74 16.95 -5.24 5.25
N THR C 75 17.82 -6.02 4.61
CA THR C 75 18.61 -7.03 5.28
C THR C 75 20.03 -6.48 5.25
N LEU C 76 20.63 -6.32 6.43
CA LEU C 76 22.01 -5.83 6.54
C LEU C 76 22.95 -6.90 7.10
N TYR C 77 24.15 -6.99 6.52
CA TYR C 77 25.09 -7.92 7.05
C TYR C 77 26.51 -7.66 6.55
N LYS C 78 27.45 -8.00 7.43
CA LYS C 78 28.87 -7.91 7.07
C LYS C 78 29.16 -9.25 6.38
N PRO C 79 29.96 -9.24 5.29
CA PRO C 79 30.29 -10.48 4.57
C PRO C 79 30.81 -11.56 5.54
N SER C 80 31.55 -11.12 6.54
CA SER C 80 32.16 -12.02 7.53
C SER C 80 31.25 -12.59 8.61
N GLU C 81 29.99 -12.15 8.64
CA GLU C 81 29.03 -12.59 9.66
C GLU C 81 27.68 -12.88 9.01
N PRO C 82 27.64 -13.82 8.05
CA PRO C 82 26.35 -14.10 7.39
C PRO C 82 25.23 -14.64 8.31
N ASN C 83 25.57 -15.07 9.52
CA ASN C 83 24.57 -15.59 10.45
C ASN C 83 24.21 -14.57 11.51
N LYS C 84 24.62 -13.32 11.29
CA LYS C 84 24.27 -12.25 12.24
C LYS C 84 23.64 -11.15 11.40
N LYS C 85 22.70 -11.51 10.55
CA LYS C 85 22.05 -10.53 9.72
C LYS C 85 21.11 -9.66 10.57
N ILE C 86 20.89 -8.43 10.09
CA ILE C 86 19.97 -7.48 10.74
C ILE C 86 18.84 -7.18 9.77
N ALA C 87 17.59 -7.35 10.25
CA ALA C 87 16.42 -7.07 9.41
C ALA C 87 15.91 -5.71 9.85
N ILE C 88 15.47 -4.91 8.90
CA ILE C 88 14.93 -3.60 9.23
C ILE C 88 13.61 -3.47 8.47
N ASP C 89 12.52 -3.24 9.20
CA ASP C 89 11.24 -3.06 8.59
C ASP C 89 10.85 -1.61 8.89
N ILE C 90 10.01 -1.05 8.05
CA ILE C 90 9.54 0.32 8.25
C ILE C 90 8.04 0.26 8.56
N ALA C 91 7.64 0.91 9.63
CA ALA C 91 6.21 0.96 10.04
C ALA C 91 5.73 2.38 10.27
N THR C 92 4.51 2.66 9.80
CA THR C 92 4.00 4.00 9.90
C THR C 92 2.56 4.04 10.41
N THR C 93 2.21 5.12 11.06
CA THR C 93 0.83 5.33 11.52
C THR C 93 0.61 6.82 11.70
N TYR C 94 -0.65 7.22 11.85
CA TYR C 94 -0.96 8.62 12.00
C TYR C 94 -1.69 8.93 13.27
N THR C 95 -1.79 10.21 13.55
CA THR C 95 -2.48 10.65 14.71
C THR C 95 -3.37 11.81 14.24
N ASN C 96 -4.52 11.99 14.87
CA ASN C 96 -5.44 13.07 14.49
C ASN C 96 -5.06 14.33 15.22
N LYS C 97 -4.51 14.10 16.40
CA LYS C 97 -4.10 15.15 17.30
C LYS C 97 -2.71 14.77 17.73
N GLU C 98 -1.83 15.76 17.82
CA GLU C 98 -0.46 15.49 18.21
C GLU C 98 -0.38 14.84 19.59
N ASN C 99 0.54 13.89 19.70
CA ASN C 99 0.83 13.15 20.94
C ASN C 99 -0.23 12.19 21.47
N GLU C 100 -1.18 11.78 20.65
CA GLU C 100 -2.17 10.81 21.14
C GLU C 100 -1.50 9.42 21.13
N LYS C 101 -2.12 8.42 21.76
CA LYS C 101 -1.57 7.06 21.76
C LYS C 101 -1.61 6.53 20.32
N ILE C 102 -0.67 5.64 19.99
CA ILE C 102 -0.56 5.09 18.65
C ILE C 102 -0.26 3.59 18.66
N LYS C 103 -0.49 2.94 17.51
CA LYS C 103 -0.21 1.51 17.37
C LYS C 103 0.25 1.21 15.96
N PHE C 104 1.17 0.26 15.80
CA PHE C 104 1.64 -0.11 14.49
C PHE C 104 1.31 -1.59 14.22
N THR C 105 1.36 -1.94 12.94
CA THR C 105 1.20 -3.31 12.49
C THR C 105 2.67 -3.72 12.30
N LEU C 106 3.05 -4.87 12.82
CA LEU C 106 4.47 -5.28 12.77
C LEU C 106 4.82 -6.52 11.95
N GLY C 107 4.01 -6.82 10.94
CA GLY C 107 4.33 -7.96 10.09
C GLY C 107 3.53 -9.18 10.45
N GLY C 108 3.54 -10.17 9.54
CA GLY C 108 2.77 -11.38 9.78
C GLY C 108 3.27 -12.22 10.93
N TYR C 109 2.35 -12.90 11.60
CA TYR C 109 2.73 -13.80 12.69
C TYR C 109 2.57 -15.23 12.23
N THR C 110 2.16 -15.43 10.96
CA THR C 110 2.00 -16.81 10.49
C THR C 110 2.92 -17.27 9.38
N SER C 111 3.97 -16.49 9.08
CA SER C 111 4.91 -16.93 8.02
C SER C 111 6.25 -17.35 8.64
N PHE C 112 7.34 -16.64 8.32
CA PHE C 112 8.64 -17.03 8.84
C PHE C 112 8.77 -17.13 10.35
N ILE C 113 7.93 -16.46 11.14
CA ILE C 113 8.15 -16.69 12.56
C ILE C 113 7.71 -18.09 12.93
N ARG C 114 6.89 -18.72 12.09
CA ARG C 114 6.44 -20.09 12.40
C ARG C 114 7.12 -21.10 11.50
N ASN C 115 7.44 -20.61 10.31
CA ASN C 115 8.06 -21.34 9.22
C ASN C 115 9.32 -20.57 8.87
N ASN C 116 10.41 -20.91 9.52
CA ASN C 116 11.72 -20.30 9.30
C ASN C 116 12.05 -19.66 7.93
N THR C 117 11.30 -20.03 6.88
CA THR C 117 11.59 -19.57 5.51
C THR C 117 10.48 -18.99 4.64
N LYS C 118 9.24 -18.96 5.14
CA LYS C 118 8.13 -18.44 4.33
C LYS C 118 8.18 -16.93 4.23
N ASN C 119 8.20 -16.44 2.99
CA ASN C 119 8.21 -15.01 2.75
C ASN C 119 9.23 -14.17 3.49
N ILE C 120 10.46 -14.67 3.55
CA ILE C 120 11.55 -13.94 4.16
C ILE C 120 12.72 -14.09 3.21
N VAL C 121 13.53 -13.03 3.09
CA VAL C 121 14.64 -13.00 2.14
C VAL C 121 15.69 -14.04 2.45
N TYR C 122 16.04 -14.18 3.74
CA TYR C 122 16.97 -15.17 4.20
C TYR C 122 16.23 -15.93 5.29
N PRO C 123 16.63 -17.20 5.55
CA PRO C 123 15.98 -17.98 6.60
C PRO C 123 16.09 -17.16 7.91
N PHE C 124 15.00 -17.17 8.67
CA PHE C 124 14.85 -16.42 9.91
C PHE C 124 15.98 -16.61 10.87
N ASP C 125 16.45 -17.85 10.98
CA ASP C 125 17.51 -18.12 11.90
C ASP C 125 18.89 -17.51 11.57
N GLN C 126 19.02 -16.90 10.40
CA GLN C 126 20.29 -16.23 10.05
C GLN C 126 20.30 -14.75 10.53
N TYR C 127 19.18 -14.29 11.10
CA TYR C 127 19.12 -12.92 11.65
C TYR C 127 19.24 -12.90 13.19
N ILE C 128 20.03 -11.97 13.69
CA ILE C 128 20.22 -11.81 15.10
C ILE C 128 19.46 -10.62 15.65
N ALA C 129 18.91 -9.77 14.77
CA ALA C 129 18.15 -8.60 15.24
C ALA C 129 17.10 -8.25 14.20
N HIS C 130 16.01 -7.66 14.68
CA HIS C 130 14.88 -7.24 13.86
C HIS C 130 14.51 -5.89 14.40
N TRP C 131 14.82 -4.85 13.64
CA TRP C 131 14.54 -3.49 14.04
C TRP C 131 13.37 -2.89 13.26
N ILE C 132 12.60 -2.05 13.93
CA ILE C 132 11.52 -1.34 13.31
C ILE C 132 11.92 0.13 13.28
N ILE C 133 11.81 0.70 12.10
CA ILE C 133 11.97 2.16 12.03
C ILE C 133 10.48 2.53 11.98
N GLY C 134 10.06 3.25 13.05
CA GLY C 134 8.68 3.67 13.14
C GLY C 134 8.56 5.17 12.80
N TYR C 135 7.58 5.49 11.98
CA TYR C 135 7.28 6.91 11.69
C TYR C 135 5.83 7.15 12.17
N VAL C 136 5.62 8.29 12.84
CA VAL C 136 4.28 8.73 13.27
C VAL C 136 4.15 10.20 12.83
N TYR C 137 2.97 10.57 12.35
CA TYR C 137 2.76 11.96 11.89
C TYR C 137 1.29 12.29 12.22
N THR C 138 0.98 13.57 12.25
CA THR C 138 -0.39 14.02 12.49
C THR C 138 -0.89 14.31 11.08
N ARG C 139 -2.03 13.76 10.72
CA ARG C 139 -2.57 13.97 9.39
C ARG C 139 -3.08 15.40 9.23
N VAL C 140 -2.99 15.92 8.01
CA VAL C 140 -3.45 17.26 7.65
C VAL C 140 -4.30 17.14 6.37
N ALA C 141 -5.53 17.64 6.44
CA ALA C 141 -6.46 17.58 5.32
C ALA C 141 -5.94 18.20 4.01
N THR C 142 -6.19 17.50 2.91
CA THR C 142 -5.80 17.91 1.56
C THR C 142 -6.54 19.17 1.09
N LYS C 144 -8.30 21.46 -3.74
CA LYS C 144 -7.48 22.46 -3.06
C LYS C 144 -6.14 22.61 -3.77
N SER C 145 -5.26 23.35 -3.12
CA SER C 145 -3.92 23.61 -3.65
C SER C 145 -3.13 22.30 -3.88
N SER C 146 -3.56 21.20 -3.28
CA SER C 146 -2.83 19.95 -3.49
C SER C 146 -3.27 19.24 -4.77
N LEU C 147 -4.27 19.79 -5.47
CA LEU C 147 -4.73 19.13 -6.68
C LEU C 147 -4.19 19.65 -7.99
N LYS C 148 -3.14 20.45 -7.93
CA LYS C 148 -2.54 20.91 -9.18
C LYS C 148 -1.07 20.56 -9.13
N THR C 149 -0.40 20.70 -10.26
CA THR C 149 1.02 20.42 -10.32
C THR C 149 1.85 21.67 -10.03
N TYR C 150 3.15 21.50 -9.79
CA TYR C 150 4.01 22.62 -9.47
C TYR C 150 5.34 22.53 -10.19
N ASN C 151 6.09 23.63 -10.18
CA ASN C 151 7.41 23.67 -10.81
C ASN C 151 8.42 23.76 -9.67
N ILE C 152 9.67 23.45 -9.95
CA ILE C 152 10.73 23.50 -8.95
C ILE C 152 10.79 24.84 -8.21
N ASN C 153 10.48 25.94 -8.88
CA ASN C 153 10.55 27.22 -8.20
C ASN C 153 9.43 27.43 -7.21
N GLU C 154 8.51 26.47 -7.11
CA GLU C 154 7.39 26.61 -6.18
C GLU C 154 7.41 25.58 -5.06
N LEU C 155 8.55 24.93 -4.87
CA LEU C 155 8.72 23.88 -3.85
C LEU C 155 8.19 24.20 -2.45
N ASN C 156 8.57 25.37 -1.92
CA ASN C 156 8.17 25.82 -0.58
C ASN C 156 6.70 26.10 -0.47
N GLU C 157 6.02 26.13 -1.62
CA GLU C 157 4.60 26.46 -1.64
C GLU C 157 3.66 25.27 -1.68
N ILE C 158 4.21 24.11 -1.97
CA ILE C 158 3.38 22.94 -2.08
C ILE C 158 2.83 22.54 -0.71
N PRO C 159 1.50 22.37 -0.59
CA PRO C 159 0.97 21.98 0.71
C PRO C 159 1.33 20.51 1.03
N LYS C 160 1.77 20.30 2.26
CA LYS C 160 2.15 18.98 2.76
C LYS C 160 0.97 18.38 3.53
N PRO C 161 0.61 17.12 3.26
CA PRO C 161 -0.53 16.55 3.97
C PRO C 161 -0.22 15.94 5.35
N TYR C 162 0.82 16.43 6.03
CA TYR C 162 1.18 15.90 7.35
C TYR C 162 1.89 17.03 8.09
N LYS C 163 2.08 16.93 9.40
CA LYS C 163 2.73 18.08 10.05
C LYS C 163 3.79 17.93 11.12
N GLY C 164 3.74 16.84 11.87
CA GLY C 164 4.69 16.68 12.96
C GLY C 164 5.19 15.24 13.02
N VAL C 165 5.98 14.91 12.01
CA VAL C 165 6.55 13.59 11.88
C VAL C 165 7.62 13.31 12.95
N LYS C 166 7.54 12.14 13.58
CA LYS C 166 8.51 11.72 14.59
C LYS C 166 9.02 10.35 14.09
N VAL C 167 10.28 10.01 14.35
CA VAL C 167 10.81 8.70 13.93
C VAL C 167 11.51 8.01 15.11
N PHE C 168 11.46 6.68 15.14
CA PHE C 168 12.16 5.93 16.19
C PHE C 168 12.74 4.68 15.55
N LEU C 169 13.70 4.06 16.22
CA LEU C 169 14.34 2.81 15.78
C LEU C 169 14.29 1.94 17.04
N GLN C 170 13.59 0.81 16.97
CA GLN C 170 13.47 -0.02 18.14
C GLN C 170 13.37 -1.48 17.73
N ASP C 171 13.74 -2.38 18.63
CA ASP C 171 13.70 -3.81 18.36
C ASP C 171 12.23 -4.18 18.26
N LYS C 172 11.93 -5.01 17.28
CA LYS C 172 10.54 -5.47 17.04
C LYS C 172 9.94 -6.10 18.31
N TRP C 173 10.69 -6.99 18.96
CA TRP C 173 10.11 -7.66 20.13
C TRP C 173 9.77 -6.76 21.28
N VAL C 174 10.53 -5.68 21.39
CA VAL C 174 10.41 -4.71 22.48
C VAL C 174 9.10 -3.94 22.36
N ILE C 175 8.72 -3.57 21.14
CA ILE C 175 7.48 -2.84 20.97
C ILE C 175 6.28 -3.68 20.57
N ALA C 176 6.48 -5.00 20.50
CA ALA C 176 5.36 -5.83 20.12
C ALA C 176 4.34 -5.87 21.28
N GLY C 177 3.06 -5.92 20.93
CA GLY C 177 1.96 -5.96 21.90
C GLY C 177 1.35 -7.37 21.88
N ASP C 178 0.17 -7.55 22.47
CA ASP C 178 -0.41 -8.91 22.52
C ASP C 178 -1.70 -9.05 21.72
N LEU C 179 -2.00 -8.01 20.95
CA LEU C 179 -3.21 -8.01 20.17
C LEU C 179 -2.88 -7.80 18.69
N ALA C 180 -3.48 -8.62 17.85
CA ALA C 180 -3.20 -8.52 16.43
C ALA C 180 -3.37 -7.10 15.87
N GLY C 181 -2.53 -6.79 14.90
CA GLY C 181 -2.61 -5.48 14.28
C GLY C 181 -3.48 -5.54 13.05
N SER C 182 -3.85 -6.75 12.58
CA SER C 182 -4.76 -6.85 11.44
C SER C 182 -5.42 -8.22 11.49
N GLY C 183 -6.55 -8.37 10.78
CA GLY C 183 -7.26 -9.66 10.83
C GLY C 183 -6.94 -10.64 9.71
N ASN C 184 -7.53 -10.39 8.53
CA ASN C 184 -7.36 -11.25 7.39
C ASN C 184 -5.91 -11.32 6.90
N THR C 185 -5.08 -10.35 7.28
CA THR C 185 -3.67 -10.37 6.89
C THR C 185 -2.77 -10.68 8.11
N THR C 186 -3.42 -11.15 9.17
CA THR C 186 -2.77 -11.66 10.37
C THR C 186 -1.43 -11.00 10.80
N ASN C 187 -1.50 -9.72 11.14
CA ASN C 187 -0.29 -9.01 11.58
C ASN C 187 -0.11 -8.96 13.09
N ILE C 188 1.16 -8.97 13.49
CA ILE C 188 1.50 -8.75 14.88
C ILE C 188 1.12 -7.27 15.15
N GLY C 189 0.50 -6.97 16.29
CA GLY C 189 0.20 -5.58 16.61
C GLY C 189 1.22 -5.15 17.62
N SER C 190 1.57 -3.85 17.62
CA SER C 190 2.53 -3.34 18.60
C SER C 190 1.72 -2.98 19.84
N ILE C 191 2.40 -2.43 20.84
CA ILE C 191 1.72 -1.90 22.01
C ILE C 191 0.90 -0.69 21.50
N HIS C 192 -0.11 -0.30 22.27
CA HIS C 192 -0.93 0.85 21.97
C HIS C 192 -0.47 1.83 23.07
N ALA C 193 0.33 2.81 22.68
CA ALA C 193 0.95 3.65 23.65
C ALA C 193 1.43 4.94 23.04
N HIS C 194 1.97 5.83 23.86
CA HIS C 194 2.48 7.08 23.32
C HIS C 194 3.85 6.82 22.67
N TYR C 195 4.21 7.69 21.72
CA TYR C 195 5.47 7.59 21.02
C TYR C 195 6.64 7.41 22.01
N LYS C 196 6.64 8.09 23.15
CA LYS C 196 7.79 7.96 24.07
C LYS C 196 7.99 6.52 24.54
N ASP C 197 6.90 5.78 24.68
CA ASP C 197 7.03 4.39 25.12
C ASP C 197 7.75 3.52 24.07
N PHE C 198 7.64 3.87 22.80
CA PHE C 198 8.31 3.09 21.76
C PHE C 198 9.78 3.40 21.83
N VAL C 199 10.08 4.68 21.95
CA VAL C 199 11.48 5.04 22.05
C VAL C 199 12.11 4.39 23.27
N GLU C 200 11.37 4.39 24.38
CA GLU C 200 11.93 3.86 25.61
C GLU C 200 11.93 2.37 25.73
N GLY C 201 11.12 1.74 24.87
CA GLY C 201 11.04 0.30 24.89
C GLY C 201 10.13 -0.21 26.00
N LYS C 202 9.10 0.56 26.32
CA LYS C 202 8.15 0.19 27.39
C LYS C 202 7.11 -0.77 26.84
N GLY C 203 7.53 -1.99 26.54
CA GLY C 203 6.64 -2.96 25.93
C GLY C 203 5.99 -3.89 26.93
N ILE C 204 5.45 -4.99 26.44
CA ILE C 204 4.83 -5.93 27.36
C ILE C 204 5.60 -7.25 27.51
N PHE C 205 6.38 -7.64 26.51
CA PHE C 205 7.13 -8.90 26.62
C PHE C 205 8.37 -8.74 27.45
N ASP C 206 8.71 -9.80 28.17
CA ASP C 206 9.90 -9.76 29.02
C ASP C 206 11.17 -10.12 28.28
N SER C 207 11.01 -10.80 27.16
CA SER C 207 12.12 -11.28 26.36
C SER C 207 11.73 -11.45 24.93
N GLU C 208 12.74 -11.54 24.08
CA GLU C 208 12.46 -11.79 22.67
C GLU C 208 11.90 -13.26 22.54
N ASP C 209 12.34 -14.17 23.40
CA ASP C 209 11.80 -15.55 23.28
C ASP C 209 10.30 -15.55 23.66
N GLU C 210 9.94 -14.74 24.66
CA GLU C 210 8.52 -14.73 25.05
C GLU C 210 7.68 -14.15 23.92
N PHE C 211 8.17 -13.08 23.33
CA PHE C 211 7.48 -12.45 22.20
C PHE C 211 7.28 -13.48 21.11
N LEU C 212 8.34 -14.19 20.74
CA LEU C 212 8.28 -15.17 19.68
C LEU C 212 7.28 -16.30 20.01
N ASP C 213 7.38 -16.79 21.23
CA ASP C 213 6.51 -17.87 21.62
C ASP C 213 5.07 -17.42 21.62
N TYR C 214 4.83 -16.20 22.09
CA TYR C 214 3.47 -15.67 22.13
C TYR C 214 2.91 -15.61 20.72
N TRP C 215 3.65 -14.97 19.80
CA TRP C 215 3.08 -14.88 18.44
C TRP C 215 3.08 -16.15 17.65
N ARG C 216 3.97 -17.08 18.00
CA ARG C 216 4.00 -18.35 17.32
C ARG C 216 2.79 -19.21 17.66
N ASN C 217 2.12 -18.90 18.76
CA ASN C 217 1.02 -19.73 19.23
C ASN C 217 -0.31 -19.00 19.38
N TYR C 218 -0.37 -17.78 18.83
CA TYR C 218 -1.54 -16.94 18.88
C TYR C 218 -2.54 -17.43 17.84
N GLU C 219 -3.77 -17.73 18.25
CA GLU C 219 -4.75 -18.20 17.27
C GLU C 219 -5.21 -17.03 16.42
N ARG C 220 -5.68 -17.34 15.20
CA ARG C 220 -6.11 -16.33 14.22
C ARG C 220 -7.46 -15.64 14.48
N THR C 221 -8.33 -16.24 15.29
CA THR C 221 -9.63 -15.64 15.53
C THR C 221 -9.99 -15.56 17.02
N SER C 222 -10.85 -14.60 17.35
CA SER C 222 -11.29 -14.40 18.72
C SER C 222 -11.87 -15.70 19.28
N GLN C 223 -12.58 -16.44 18.42
CA GLN C 223 -13.23 -17.73 18.77
C GLN C 223 -12.24 -18.70 19.35
N LEU C 224 -11.17 -18.91 18.61
CA LEU C 224 -10.14 -19.83 19.04
C LEU C 224 -9.38 -19.26 20.24
N ARG C 225 -8.99 -17.99 20.19
CA ARG C 225 -8.25 -17.40 21.32
C ARG C 225 -9.00 -17.38 22.66
N ASN C 226 -10.32 -17.47 22.60
CA ASN C 226 -11.13 -17.47 23.80
C ASN C 226 -10.78 -18.73 24.57
N ASP C 227 -10.45 -19.80 23.84
CA ASP C 227 -10.11 -21.07 24.47
C ASP C 227 -8.61 -21.32 24.81
N LYS C 228 -7.72 -20.47 24.31
CA LYS C 228 -6.28 -20.65 24.54
C LYS C 228 -5.81 -19.40 25.26
N TYR C 229 -5.48 -18.34 24.52
CA TYR C 229 -5.15 -17.09 25.17
C TYR C 229 -5.41 -15.95 24.23
N ASN C 230 -5.81 -14.82 24.80
CA ASN C 230 -6.13 -13.63 24.01
C ASN C 230 -5.31 -12.41 24.38
N ASN C 231 -4.49 -12.53 25.41
CA ASN C 231 -3.65 -11.44 25.86
C ASN C 231 -2.46 -12.01 26.59
N ILE C 232 -1.56 -11.14 27.00
CA ILE C 232 -0.33 -11.58 27.64
C ILE C 232 -0.57 -12.26 28.97
N SER C 233 -1.53 -11.75 29.74
CA SER C 233 -1.81 -12.39 31.03
C SER C 233 -2.32 -13.84 30.83
N GLU C 234 -3.21 -14.05 29.86
CA GLU C 234 -3.73 -15.38 29.60
C GLU C 234 -2.62 -16.28 29.07
N TYR C 235 -1.72 -15.72 28.28
CA TYR C 235 -0.61 -16.47 27.75
C TYR C 235 0.27 -17.00 28.91
N ARG C 236 0.64 -16.12 29.83
CA ARG C 236 1.47 -16.50 30.98
C ARG C 236 0.75 -17.58 31.83
N ASN C 237 -0.58 -17.51 31.92
CA ASN C 237 -1.35 -18.56 32.61
C ASN C 237 -1.24 -19.89 31.83
N TRP C 238 -1.36 -19.82 30.52
CA TRP C 238 -1.27 -21.00 29.67
C TRP C 238 0.14 -21.65 29.81
N ILE C 239 1.16 -20.81 29.90
CA ILE C 239 2.53 -21.28 30.07
C ILE C 239 2.64 -21.94 31.44
N TYR C 240 2.09 -21.29 32.45
CA TYR C 240 2.20 -21.79 33.84
C TYR C 240 1.68 -23.20 33.98
N ARG C 241 0.56 -23.40 33.29
CA ARG C 241 -0.20 -24.65 33.25
C ARG C 241 0.44 -25.76 32.47
N GLY C 242 1.41 -25.43 31.62
CA GLY C 242 2.06 -26.45 30.79
C GLY C 242 1.66 -26.37 29.33
N ARG C 243 1.38 -25.16 28.87
CA ARG C 243 0.96 -24.91 27.48
C ARG C 243 -0.33 -25.68 27.14
N LYS C 244 -1.34 -25.53 27.98
CA LYS C 244 -2.65 -26.20 27.77
C LYS C 244 -3.68 -25.44 28.59
N SER D 1 -16.38 14.27 -24.56
CA SER D 1 -17.06 14.04 -23.27
C SER D 1 -16.05 14.09 -22.10
N LEU D 2 -16.58 13.94 -20.88
CA LEU D 2 -15.75 13.92 -19.68
C LEU D 2 -14.79 12.75 -19.86
N ARG D 3 -15.36 11.61 -20.18
CA ARG D 3 -14.61 10.39 -20.37
C ARG D 3 -13.56 10.47 -21.50
N SER D 4 -13.90 10.98 -22.67
CA SER D 4 -12.87 11.02 -23.71
C SER D 4 -11.79 12.07 -23.40
N ASP D 5 -12.22 13.18 -22.82
CA ASP D 5 -11.24 14.22 -22.44
C ASP D 5 -10.29 13.66 -21.35
N LEU D 6 -10.83 12.87 -20.41
CA LEU D 6 -9.97 12.30 -19.35
C LEU D 6 -8.95 11.32 -19.91
N ILE D 7 -9.39 10.39 -20.76
CA ILE D 7 -8.47 9.43 -21.33
C ILE D 7 -7.43 10.16 -22.19
N ASN D 8 -7.85 11.17 -22.94
CA ASN D 8 -6.88 11.89 -23.77
C ASN D 8 -5.80 12.60 -22.92
N ALA D 9 -6.24 13.20 -21.82
CA ALA D 9 -5.35 13.94 -20.93
C ALA D 9 -4.42 12.98 -20.18
N LEU D 10 -4.92 11.80 -19.80
CA LEU D 10 -4.06 10.82 -19.12
C LEU D 10 -3.02 10.31 -20.11
N TYR D 11 -3.44 9.99 -21.33
CA TYR D 11 -2.53 9.52 -22.38
C TYR D 11 -1.40 10.56 -22.59
N ASP D 12 -1.80 11.81 -22.77
CA ASP D 12 -0.86 12.90 -23.02
C ASP D 12 0.10 13.14 -21.85
N GLU D 13 -0.43 13.19 -20.62
CA GLU D 13 0.43 13.38 -19.43
C GLU D 13 1.46 12.25 -19.36
N ASN D 14 1.01 11.02 -19.50
CA ASN D 14 1.92 9.91 -19.45
C ASN D 14 3.03 9.98 -20.52
N GLN D 15 2.71 10.54 -21.69
CA GLN D 15 3.70 10.61 -22.76
C GLN D 15 4.77 11.65 -22.46
N LYS D 16 4.33 12.78 -21.90
CA LYS D 16 5.21 13.89 -21.61
C LYS D 16 6.13 13.75 -20.38
N TYR D 17 5.62 13.11 -19.32
CA TYR D 17 6.36 13.03 -18.05
C TYR D 17 6.73 11.70 -17.47
N ASP D 18 7.94 11.65 -16.91
CA ASP D 18 8.45 10.43 -16.30
C ASP D 18 8.71 10.68 -14.85
N VAL D 19 7.89 10.12 -13.96
CA VAL D 19 8.13 10.36 -12.53
C VAL D 19 9.41 9.65 -12.19
N CYS D 20 10.28 10.33 -11.45
CA CYS D 20 11.58 9.72 -11.12
C CYS D 20 12.01 9.84 -9.64
N GLY D 21 11.23 10.51 -8.80
CA GLY D 21 11.61 10.56 -7.39
C GLY D 21 10.65 11.32 -6.50
N ILE D 22 10.93 11.38 -5.21
CA ILE D 22 10.08 12.19 -4.34
C ILE D 22 11.02 13.32 -3.96
N ILE D 23 10.49 14.54 -3.92
CA ILE D 23 11.29 15.71 -3.62
C ILE D 23 10.87 16.38 -2.33
N SER D 24 11.86 16.94 -1.61
CA SER D 24 11.57 17.63 -0.38
C SER D 24 11.51 19.15 -0.66
N ALA D 25 10.91 19.90 0.26
CA ALA D 25 10.77 21.35 0.10
C ALA D 25 12.15 22.02 -0.02
N GLU D 26 13.17 21.35 0.50
CA GLU D 26 14.54 21.85 0.46
C GLU D 26 15.27 21.52 -0.83
N GLY D 27 14.60 20.77 -1.71
CA GLY D 27 15.17 20.41 -2.99
C GLY D 27 15.88 19.08 -3.07
N LYS D 28 15.94 18.33 -1.97
CA LYS D 28 16.62 17.04 -2.00
C LYS D 28 15.61 16.02 -2.54
N ILE D 29 16.10 15.20 -3.46
CA ILE D 29 15.33 14.17 -4.09
C ILE D 29 15.76 12.74 -3.72
N TYR D 30 14.73 11.94 -3.44
CA TYR D 30 14.89 10.55 -3.03
C TYR D 30 14.37 9.65 -4.16
N PRO D 31 15.20 8.71 -4.62
CA PRO D 31 14.75 7.85 -5.72
C PRO D 31 13.62 6.91 -5.37
N LEU D 32 13.00 6.42 -6.43
CA LEU D 32 11.88 5.51 -6.31
C LEU D 32 12.35 4.07 -6.14
N GLY D 33 11.54 3.29 -5.44
CA GLY D 33 11.79 1.88 -5.24
C GLY D 33 11.08 1.22 -6.42
N SER D 34 11.39 -0.03 -6.68
CA SER D 34 10.83 -0.75 -7.84
C SER D 34 9.57 -1.59 -7.62
N ASP D 35 9.20 -1.83 -6.37
CA ASP D 35 8.03 -2.63 -6.11
C ASP D 35 6.69 -1.96 -6.39
N THR D 36 5.65 -2.78 -6.51
CA THR D 36 4.33 -2.25 -6.82
C THR D 36 3.76 -1.26 -5.84
N LYS D 37 4.01 -1.48 -4.55
CA LYS D 37 3.48 -0.57 -3.55
C LYS D 37 3.92 0.85 -3.92
N VAL D 38 5.16 0.99 -4.37
CA VAL D 38 5.70 2.28 -4.78
C VAL D 38 5.04 2.77 -6.06
N LEU D 39 5.07 1.94 -7.10
CA LEU D 39 4.50 2.34 -8.38
C LEU D 39 3.02 2.63 -8.32
N SER D 40 2.24 1.82 -7.58
CA SER D 40 0.82 2.09 -7.53
C SER D 40 0.60 3.43 -6.86
N THR D 41 1.36 3.72 -5.80
CA THR D 41 1.24 5.03 -5.16
C THR D 41 1.58 6.20 -6.10
N ILE D 42 2.66 6.07 -6.86
CA ILE D 42 3.09 7.13 -7.75
C ILE D 42 2.07 7.34 -8.88
N PHE D 43 1.56 6.28 -9.47
CA PHE D 43 0.59 6.48 -10.53
C PHE D 43 -0.70 7.08 -10.01
N GLU D 44 -1.07 6.75 -8.79
CA GLU D 44 -2.27 7.35 -8.24
C GLU D 44 -2.08 8.86 -8.06
N LEU D 45 -0.94 9.26 -7.51
CA LEU D 45 -0.68 10.67 -7.28
C LEU D 45 -0.54 11.40 -8.65
N PHE D 46 0.10 10.74 -9.61
CA PHE D 46 0.30 11.27 -10.96
C PHE D 46 -1.05 11.61 -11.60
N SER D 47 -2.04 10.76 -11.33
CA SER D 47 -3.37 10.94 -11.91
C SER D 47 -4.25 12.02 -11.29
N ARG D 48 -4.05 12.33 -10.01
CA ARG D 48 -4.89 13.30 -9.30
C ARG D 48 -5.09 14.66 -9.97
N PRO D 49 -4.00 15.36 -10.37
CA PRO D 49 -4.21 16.68 -10.99
C PRO D 49 -4.98 16.62 -12.34
N ILE D 50 -4.68 15.59 -13.13
CA ILE D 50 -5.32 15.35 -14.45
C ILE D 50 -6.84 15.19 -14.19
N ILE D 51 -7.18 14.25 -13.31
CA ILE D 51 -8.58 13.98 -13.00
C ILE D 51 -9.32 15.26 -12.57
N ASN D 52 -8.74 16.02 -11.65
CA ASN D 52 -9.39 17.20 -11.16
C ASN D 52 -9.58 18.27 -12.24
N LYS D 53 -8.53 18.46 -13.03
CA LYS D 53 -8.60 19.45 -14.08
C LYS D 53 -9.71 19.11 -15.11
N ILE D 54 -9.79 17.85 -15.54
CA ILE D 54 -10.81 17.50 -16.53
C ILE D 54 -12.19 17.52 -15.91
N ALA D 55 -12.32 17.09 -14.67
CA ALA D 55 -13.62 17.13 -14.00
C ALA D 55 -14.12 18.58 -13.89
N GLU D 56 -13.23 19.51 -13.52
CA GLU D 56 -13.58 20.93 -13.37
C GLU D 56 -14.09 21.52 -14.69
N LYS D 57 -13.41 21.19 -15.77
CA LYS D 57 -13.80 21.67 -17.09
C LYS D 57 -15.23 21.28 -17.44
N HIS D 58 -15.59 20.07 -17.05
CA HIS D 58 -16.92 19.53 -17.32
C HIS D 58 -17.95 19.84 -16.25
N GLY D 59 -17.51 20.63 -15.28
CA GLY D 59 -18.39 21.02 -14.18
C GLY D 59 -18.64 20.02 -13.07
N TYR D 60 -17.74 19.04 -12.91
CA TYR D 60 -17.89 18.05 -11.82
C TYR D 60 -17.05 18.35 -10.58
N ILE D 61 -17.67 18.10 -9.43
CA ILE D 61 -17.03 18.20 -8.13
C ILE D 61 -16.19 16.90 -8.06
N VAL D 62 -15.01 16.95 -7.42
CA VAL D 62 -14.19 15.75 -7.28
C VAL D 62 -13.99 15.54 -5.80
N GLU D 63 -14.26 14.32 -5.32
CA GLU D 63 -14.09 14.04 -3.91
C GLU D 63 -13.32 12.75 -3.69
N GLU D 64 -12.33 12.82 -2.80
CA GLU D 64 -11.54 11.67 -2.42
C GLU D 64 -12.07 11.11 -1.09
N PRO D 65 -11.79 9.83 -0.78
CA PRO D 65 -12.33 9.29 0.46
C PRO D 65 -11.63 9.88 1.69
N LYS D 66 -12.36 10.01 2.78
CA LYS D 66 -11.77 10.51 4.03
C LYS D 66 -11.14 9.28 4.68
N GLN D 67 -11.87 8.15 4.62
CA GLN D 67 -11.36 6.89 5.18
C GLN D 67 -10.58 6.19 4.06
N GLN D 68 -9.30 5.89 4.31
CA GLN D 68 -8.38 5.26 3.32
C GLN D 68 -8.77 3.90 2.71
N ASN D 69 -9.60 3.14 3.40
CA ASN D 69 -10.00 1.83 2.89
C ASN D 69 -11.43 1.88 2.34
N HIS D 70 -11.82 3.03 1.83
CA HIS D 70 -13.16 3.20 1.25
C HIS D 70 -12.98 3.46 -0.24
N TYR D 71 -13.75 2.74 -1.07
CA TYR D 71 -13.76 2.95 -2.52
C TYR D 71 -14.68 4.18 -2.78
N PRO D 72 -14.47 4.96 -3.85
CA PRO D 72 -13.48 4.92 -4.91
C PRO D 72 -12.43 6.00 -4.65
N ASP D 73 -11.35 5.98 -5.38
CA ASP D 73 -10.33 7.01 -5.18
C ASP D 73 -10.84 8.38 -5.49
N PHE D 74 -11.71 8.46 -6.50
CA PHE D 74 -12.33 9.72 -6.89
C PHE D 74 -13.80 9.52 -7.20
N THR D 75 -14.61 10.35 -6.55
CA THR D 75 -16.05 10.40 -6.78
C THR D 75 -16.31 11.75 -7.51
N LEU D 76 -16.96 11.71 -8.68
CA LEU D 76 -17.23 12.93 -9.43
C LEU D 76 -18.73 13.10 -9.57
N TYR D 77 -19.21 14.31 -9.36
CA TYR D 77 -20.63 14.54 -9.60
C TYR D 77 -20.91 16.00 -9.80
N LYS D 78 -21.94 16.25 -10.60
CA LYS D 78 -22.32 17.63 -10.84
C LYS D 78 -23.22 17.96 -9.68
N PRO D 79 -23.00 19.13 -9.06
CA PRO D 79 -23.89 19.43 -7.93
C PRO D 79 -25.37 19.41 -8.27
N SER D 80 -25.71 19.57 -9.55
CA SER D 80 -27.11 19.53 -9.95
C SER D 80 -27.66 18.10 -10.10
N GLU D 81 -26.78 17.10 -10.12
CA GLU D 81 -27.20 15.70 -10.22
C GLU D 81 -26.44 14.83 -9.23
N PRO D 82 -26.59 15.10 -7.93
CA PRO D 82 -25.89 14.33 -6.90
C PRO D 82 -26.09 12.82 -7.00
N ASN D 83 -27.22 12.40 -7.56
CA ASN D 83 -27.47 10.98 -7.68
C ASN D 83 -26.94 10.30 -8.91
N LYS D 84 -26.12 11.02 -9.67
CA LYS D 84 -25.50 10.48 -10.85
C LYS D 84 -23.96 10.61 -10.70
N LYS D 85 -23.41 9.93 -9.71
CA LYS D 85 -21.97 9.99 -9.46
C LYS D 85 -21.18 9.05 -10.32
N ILE D 86 -19.92 9.43 -10.56
CA ILE D 86 -19.02 8.62 -11.34
C ILE D 86 -17.88 8.22 -10.42
N ALA D 87 -17.53 6.93 -10.36
CA ALA D 87 -16.48 6.45 -9.52
C ALA D 87 -15.28 6.18 -10.42
N ILE D 88 -14.12 6.57 -9.96
CA ILE D 88 -12.89 6.28 -10.70
C ILE D 88 -11.92 5.61 -9.69
N ASP D 89 -11.38 4.43 -10.11
CA ASP D 89 -10.43 3.68 -9.34
C ASP D 89 -9.18 3.60 -10.21
N ILE D 90 -8.02 3.54 -9.59
CA ILE D 90 -6.77 3.42 -10.35
C ILE D 90 -6.22 2.00 -10.07
N ALA D 91 -5.82 1.27 -11.10
CA ALA D 91 -5.31 -0.07 -10.87
C ALA D 91 -4.00 -0.18 -11.68
N THR D 92 -3.02 -0.86 -11.11
CA THR D 92 -1.72 -0.97 -11.78
C THR D 92 -1.21 -2.41 -11.84
N THR D 93 -0.36 -2.71 -12.81
CA THR D 93 0.27 -4.00 -12.87
C THR D 93 1.51 -3.82 -13.74
N TYR D 94 2.36 -4.84 -13.74
CA TYR D 94 3.61 -4.79 -14.47
C TYR D 94 3.70 -5.93 -15.47
N THR D 95 4.64 -5.79 -16.40
CA THR D 95 4.88 -6.77 -17.43
C THR D 95 6.42 -6.90 -17.55
N ASN D 96 6.88 -8.03 -18.10
CA ASN D 96 8.33 -8.24 -18.29
C ASN D 96 8.70 -8.06 -19.76
N GLU D 100 2.55 -9.00 -23.92
CA GLU D 100 2.45 -9.99 -22.87
C GLU D 100 1.14 -9.74 -22.07
N LYS D 101 0.41 -10.81 -21.74
CA LYS D 101 -0.85 -10.68 -21.02
C LYS D 101 -0.67 -10.19 -19.59
N ILE D 102 -1.66 -9.45 -19.12
CA ILE D 102 -1.64 -8.88 -17.79
C ILE D 102 -3.02 -9.02 -17.15
N LYS D 103 -3.06 -8.85 -15.84
CA LYS D 103 -4.32 -8.95 -15.10
C LYS D 103 -4.24 -7.93 -14.00
N PHE D 104 -5.39 -7.40 -13.59
CA PHE D 104 -5.47 -6.41 -12.54
C PHE D 104 -6.36 -6.92 -11.44
N THR D 105 -6.17 -6.35 -10.26
CA THR D 105 -7.08 -6.60 -9.14
C THR D 105 -8.11 -5.42 -9.27
N LEU D 106 -9.42 -5.66 -9.13
CA LEU D 106 -10.39 -4.56 -9.35
C LEU D 106 -11.26 -4.17 -8.17
N GLY D 107 -10.80 -4.38 -6.95
CA GLY D 107 -11.60 -3.98 -5.81
C GLY D 107 -12.31 -5.16 -5.14
N GLY D 108 -12.90 -4.94 -3.96
CA GLY D 108 -13.51 -6.03 -3.25
C GLY D 108 -14.80 -6.51 -3.89
N TYR D 109 -15.10 -7.80 -3.75
CA TYR D 109 -16.35 -8.33 -4.25
C TYR D 109 -17.29 -8.66 -3.08
N THR D 110 -16.86 -8.38 -1.84
CA THR D 110 -17.72 -8.70 -0.68
C THR D 110 -18.23 -7.52 0.15
N SER D 111 -17.98 -6.31 -0.33
CA SER D 111 -18.42 -5.11 0.38
C SER D 111 -19.66 -4.44 -0.21
N PHE D 112 -19.49 -3.23 -0.73
CA PHE D 112 -20.63 -2.47 -1.23
C PHE D 112 -21.38 -3.11 -2.38
N ILE D 113 -20.71 -3.96 -3.17
CA ILE D 113 -21.50 -4.57 -4.24
C ILE D 113 -22.53 -5.52 -3.63
N ARG D 114 -22.32 -5.97 -2.40
CA ARG D 114 -23.28 -6.87 -1.74
C ARG D 114 -24.20 -6.18 -0.74
N ASN D 115 -23.64 -5.22 -0.04
CA ASN D 115 -24.38 -4.47 0.97
C ASN D 115 -23.93 -3.06 0.70
N ASN D 116 -24.72 -2.45 -0.20
CA ASN D 116 -24.73 -1.08 -0.72
C ASN D 116 -23.93 0.06 -0.08
N THR D 117 -23.56 -0.12 1.17
CA THR D 117 -22.90 0.96 1.91
C THR D 117 -21.54 0.65 2.50
N LYS D 118 -21.13 -0.61 2.46
CA LYS D 118 -19.89 -1.03 3.10
C LYS D 118 -18.63 -0.53 2.40
N ASN D 119 -17.82 0.25 3.14
CA ASN D 119 -16.55 0.74 2.58
C ASN D 119 -16.61 1.46 1.24
N ILE D 120 -17.63 2.29 1.09
CA ILE D 120 -17.83 3.10 -0.09
C ILE D 120 -18.18 4.53 0.38
N VAL D 121 -17.61 5.54 -0.28
CA VAL D 121 -17.81 6.94 0.08
C VAL D 121 -19.27 7.37 0.09
N TYR D 122 -20.02 6.99 -0.96
CA TYR D 122 -21.46 7.26 -1.10
C TYR D 122 -22.12 5.93 -1.37
N PRO D 123 -23.40 5.76 -1.00
CA PRO D 123 -24.06 4.48 -1.27
C PRO D 123 -23.90 4.15 -2.75
N PHE D 124 -23.64 2.86 -3.00
CA PHE D 124 -23.39 2.32 -4.32
C PHE D 124 -24.45 2.73 -5.31
N ASP D 125 -25.72 2.77 -4.88
CA ASP D 125 -26.80 3.13 -5.78
C ASP D 125 -26.79 4.59 -6.30
N GLN D 126 -25.92 5.45 -5.75
CA GLN D 126 -25.82 6.80 -6.24
C GLN D 126 -24.83 6.94 -7.39
N TYR D 127 -24.08 5.89 -7.68
CA TYR D 127 -23.13 5.92 -8.81
C TYR D 127 -23.71 5.34 -10.10
N ILE D 128 -23.51 6.05 -11.21
CA ILE D 128 -24.00 5.51 -12.50
C ILE D 128 -22.91 5.01 -13.46
N ALA D 129 -21.66 5.09 -13.01
CA ALA D 129 -20.54 4.61 -13.81
C ALA D 129 -19.38 4.39 -12.82
N HIS D 130 -18.56 3.37 -13.18
CA HIS D 130 -17.40 2.91 -12.44
C HIS D 130 -16.27 2.74 -13.45
N TRP D 131 -15.36 3.70 -13.40
CA TRP D 131 -14.25 3.68 -14.36
C TRP D 131 -12.99 3.26 -13.68
N ILE D 132 -12.16 2.51 -14.45
CA ILE D 132 -10.87 2.06 -14.01
C ILE D 132 -9.81 2.79 -14.83
N ILE D 133 -8.83 3.38 -14.16
CA ILE D 133 -7.69 3.98 -14.89
C ILE D 133 -6.63 2.96 -14.64
N GLY D 134 -6.20 2.30 -15.73
CA GLY D 134 -5.25 1.23 -15.61
C GLY D 134 -3.90 1.66 -16.11
N TYR D 135 -2.89 1.39 -15.31
CA TYR D 135 -1.49 1.66 -15.68
C TYR D 135 -0.75 0.36 -15.76
N VAL D 136 -0.01 0.19 -16.86
CA VAL D 136 0.78 -1.00 -16.98
C VAL D 136 2.18 -0.53 -17.32
N TYR D 137 3.18 -1.16 -16.71
CA TYR D 137 4.58 -0.79 -16.96
C TYR D 137 5.53 -2.00 -16.99
N THR D 138 6.70 -1.80 -17.57
CA THR D 138 7.69 -2.87 -17.60
C THR D 138 8.66 -2.61 -16.45
N ARG D 139 8.85 -3.61 -15.60
CA ARG D 139 9.76 -3.46 -14.46
C ARG D 139 11.21 -3.54 -15.00
N VAL D 140 12.08 -2.67 -14.49
CA VAL D 140 13.47 -2.66 -14.94
C VAL D 140 14.35 -3.71 -14.24
N ALA D 141 14.69 -4.77 -14.97
CA ALA D 141 15.50 -5.84 -14.39
C ALA D 141 16.61 -6.30 -15.36
N SER D 146 18.17 3.22 -7.12
CA SER D 146 19.40 3.76 -6.55
C SER D 146 19.20 4.03 -5.06
N LEU D 147 20.28 3.92 -4.30
CA LEU D 147 20.20 4.16 -2.86
C LEU D 147 20.92 5.44 -2.42
N LYS D 148 20.99 6.42 -3.31
CA LYS D 148 21.58 7.73 -2.99
C LYS D 148 20.51 8.80 -3.22
N THR D 149 20.82 10.03 -2.79
CA THR D 149 19.95 11.17 -2.97
C THR D 149 20.54 12.07 -4.06
N TYR D 150 19.69 12.88 -4.66
CA TYR D 150 20.10 13.72 -5.74
C TYR D 150 19.62 15.14 -5.55
N ASN D 151 20.09 16.00 -6.44
CA ASN D 151 19.69 17.39 -6.45
C ASN D 151 19.01 17.66 -7.78
N ILE D 152 18.30 18.78 -7.83
CA ILE D 152 17.55 19.18 -9.00
C ILE D 152 18.32 19.17 -10.33
N ASN D 153 19.64 19.28 -10.27
CA ASN D 153 20.43 19.29 -11.52
C ASN D 153 20.70 17.89 -12.01
N GLU D 154 20.36 16.89 -11.19
CA GLU D 154 20.60 15.50 -11.52
C GLU D 154 19.34 14.69 -11.90
N LEU D 155 18.24 15.36 -12.18
CA LEU D 155 16.97 14.69 -12.51
C LEU D 155 17.03 13.64 -13.60
N ASN D 156 17.81 13.94 -14.63
CA ASN D 156 17.93 13.05 -15.75
C ASN D 156 18.91 11.91 -15.45
N GLU D 157 19.54 11.98 -14.29
CA GLU D 157 20.49 10.94 -13.85
C GLU D 157 19.86 9.88 -12.95
N ILE D 158 18.69 10.17 -12.37
CA ILE D 158 18.05 9.22 -11.47
C ILE D 158 17.48 7.96 -12.14
N PRO D 159 17.93 6.77 -11.71
CA PRO D 159 17.39 5.54 -12.32
C PRO D 159 15.88 5.40 -12.03
N LYS D 160 15.11 5.15 -13.07
CA LYS D 160 13.66 4.96 -12.95
C LYS D 160 13.40 3.46 -12.83
N PRO D 161 12.55 3.04 -11.87
CA PRO D 161 12.29 1.61 -11.71
C PRO D 161 11.29 0.96 -12.68
N TYR D 162 11.01 1.64 -13.79
CA TYR D 162 10.04 1.17 -14.79
C TYR D 162 10.50 1.58 -16.18
N LYS D 163 9.95 0.93 -17.23
CA LYS D 163 10.40 1.20 -18.61
C LYS D 163 9.40 1.89 -19.54
N GLY D 164 8.30 1.20 -19.86
CA GLY D 164 7.34 1.75 -20.81
C GLY D 164 5.90 1.68 -20.29
N VAL D 165 5.52 2.75 -19.64
CA VAL D 165 4.19 2.82 -19.07
C VAL D 165 3.12 3.07 -20.14
N LYS D 166 1.98 2.41 -19.97
CA LYS D 166 0.83 2.57 -20.88
C LYS D 166 -0.34 2.80 -19.91
N VAL D 167 -1.29 3.62 -20.32
CA VAL D 167 -2.44 3.88 -19.46
C VAL D 167 -3.72 3.77 -20.28
N PHE D 168 -4.81 3.32 -19.67
CA PHE D 168 -6.09 3.23 -20.35
C PHE D 168 -7.20 3.57 -19.35
N LEU D 169 -8.36 3.90 -19.89
CA LEU D 169 -9.50 4.14 -19.03
C LEU D 169 -10.60 3.23 -19.60
N GLN D 170 -11.21 2.43 -18.74
CA GLN D 170 -12.28 1.51 -19.20
C GLN D 170 -13.31 1.29 -18.11
N ASP D 171 -14.52 0.87 -18.49
CA ASP D 171 -15.53 0.60 -17.47
C ASP D 171 -15.12 -0.62 -16.72
N LYS D 172 -15.32 -0.58 -15.40
CA LYS D 172 -14.98 -1.66 -14.53
C LYS D 172 -15.59 -3.00 -14.99
N TRP D 173 -16.89 -2.99 -15.34
CA TRP D 173 -17.51 -4.24 -15.72
C TRP D 173 -17.01 -4.87 -16.99
N VAL D 174 -16.59 -4.03 -17.94
CA VAL D 174 -16.10 -4.46 -19.21
C VAL D 174 -14.83 -5.28 -19.12
N ILE D 175 -13.90 -4.85 -18.26
CA ILE D 175 -12.62 -5.55 -18.11
C ILE D 175 -12.59 -6.53 -16.96
N ALA D 176 -13.71 -6.69 -16.26
CA ALA D 176 -13.78 -7.65 -15.18
C ALA D 176 -13.75 -9.10 -15.74
N GLY D 177 -13.06 -9.96 -15.01
CA GLY D 177 -12.92 -11.37 -15.36
C GLY D 177 -13.78 -12.23 -14.48
N ASP D 178 -13.46 -13.54 -14.38
CA ASP D 178 -14.26 -14.47 -13.55
C ASP D 178 -13.47 -15.20 -12.47
N LEU D 179 -12.20 -14.84 -12.30
CA LEU D 179 -11.34 -15.47 -11.29
C LEU D 179 -10.81 -14.39 -10.35
N ALA D 180 -10.96 -14.63 -9.05
CA ALA D 180 -10.51 -13.76 -7.97
C ALA D 180 -9.14 -13.17 -8.25
N GLY D 181 -9.00 -11.87 -7.99
CA GLY D 181 -7.72 -11.24 -8.18
C GLY D 181 -6.87 -11.36 -6.93
N SER D 182 -7.49 -11.73 -5.82
CA SER D 182 -6.76 -11.96 -4.55
C SER D 182 -7.59 -12.90 -3.69
N GLY D 183 -6.93 -13.52 -2.71
CA GLY D 183 -7.57 -14.48 -1.82
C GLY D 183 -8.11 -13.93 -0.51
N ASN D 184 -7.21 -13.73 0.47
CA ASN D 184 -7.65 -13.23 1.79
C ASN D 184 -8.29 -11.84 1.74
N THR D 185 -8.02 -11.11 0.66
CA THR D 185 -8.58 -9.77 0.50
C THR D 185 -9.67 -9.75 -0.59
N THR D 186 -10.17 -10.94 -0.93
CA THR D 186 -11.31 -11.10 -1.83
C THR D 186 -11.50 -10.02 -2.91
N ASN D 187 -10.55 -9.91 -3.83
CA ASN D 187 -10.69 -8.92 -4.90
C ASN D 187 -11.22 -9.53 -6.17
N ILE D 188 -11.97 -8.69 -6.87
CA ILE D 188 -12.43 -8.98 -8.20
C ILE D 188 -11.16 -9.05 -9.07
N GLY D 189 -11.10 -10.04 -9.96
CA GLY D 189 -9.99 -10.14 -10.90
C GLY D 189 -10.48 -9.65 -12.26
N SER D 190 -9.59 -9.00 -13.01
CA SER D 190 -9.91 -8.53 -14.35
C SER D 190 -9.67 -9.74 -15.28
N ILE D 191 -9.90 -9.55 -16.57
CA ILE D 191 -9.66 -10.57 -17.57
C ILE D 191 -8.13 -10.64 -17.56
N HIS D 192 -7.57 -11.71 -18.10
CA HIS D 192 -6.12 -11.92 -18.18
C HIS D 192 -5.95 -11.81 -19.68
N ALA D 193 -5.42 -10.69 -20.12
CA ALA D 193 -5.36 -10.43 -21.54
C ALA D 193 -4.30 -9.44 -21.92
N HIS D 194 -4.24 -9.14 -23.21
CA HIS D 194 -3.27 -8.19 -23.72
C HIS D 194 -3.80 -6.81 -23.46
N TYR D 195 -2.88 -5.88 -23.25
CA TYR D 195 -3.25 -4.51 -23.00
C TYR D 195 -4.33 -4.02 -24.00
N LYS D 196 -4.17 -4.35 -25.29
CA LYS D 196 -5.11 -3.94 -26.34
C LYS D 196 -6.55 -4.32 -25.99
N ASP D 197 -6.69 -5.49 -25.38
CA ASP D 197 -8.00 -5.99 -24.96
C ASP D 197 -8.68 -5.08 -23.93
N PHE D 198 -7.92 -4.50 -23.01
CA PHE D 198 -8.54 -3.59 -22.05
C PHE D 198 -8.92 -2.28 -22.75
N VAL D 199 -8.06 -1.80 -23.63
CA VAL D 199 -8.35 -0.56 -24.33
C VAL D 199 -9.62 -0.71 -25.12
N GLU D 200 -9.69 -1.83 -25.84
CA GLU D 200 -10.81 -2.09 -26.71
C GLU D 200 -12.04 -2.69 -26.03
N GLY D 201 -11.91 -2.99 -24.75
CA GLY D 201 -13.06 -3.56 -24.04
C GLY D 201 -13.48 -4.95 -24.47
N LYS D 202 -12.51 -5.82 -24.72
CA LYS D 202 -12.87 -7.21 -25.11
C LYS D 202 -12.96 -8.06 -23.85
N GLY D 203 -14.10 -7.95 -23.18
CA GLY D 203 -14.25 -8.71 -21.96
C GLY D 203 -14.99 -10.03 -22.14
N ILE D 204 -15.55 -10.51 -21.03
CA ILE D 204 -16.27 -11.75 -21.05
C ILE D 204 -17.72 -11.62 -20.55
N PHE D 205 -18.06 -10.55 -19.82
CA PHE D 205 -19.44 -10.41 -19.33
C PHE D 205 -20.34 -9.88 -20.43
N ASP D 206 -21.57 -10.36 -20.48
CA ASP D 206 -22.48 -9.91 -21.53
C ASP D 206 -23.05 -8.53 -21.19
N SER D 207 -22.99 -8.18 -19.91
CA SER D 207 -23.55 -6.94 -19.41
C SER D 207 -23.01 -6.61 -18.04
N GLU D 208 -23.33 -5.41 -17.58
CA GLU D 208 -22.90 -4.93 -16.29
C GLU D 208 -23.75 -5.66 -15.25
N ASP D 209 -25.01 -5.90 -15.59
CA ASP D 209 -25.88 -6.67 -14.68
C ASP D 209 -25.22 -8.07 -14.42
N GLU D 210 -24.76 -8.75 -15.45
CA GLU D 210 -24.11 -10.05 -15.29
C GLU D 210 -22.85 -9.98 -14.43
N PHE D 211 -22.02 -8.98 -14.71
CA PHE D 211 -20.80 -8.80 -13.96
C PHE D 211 -21.12 -8.61 -12.48
N LEU D 212 -22.06 -7.74 -12.16
CA LEU D 212 -22.38 -7.50 -10.75
C LEU D 212 -22.93 -8.77 -10.11
N ASP D 213 -23.87 -9.38 -10.78
CA ASP D 213 -24.45 -10.58 -10.22
C ASP D 213 -23.39 -11.67 -10.04
N TYR D 214 -22.46 -11.83 -10.97
CA TYR D 214 -21.42 -12.81 -10.85
C TYR D 214 -20.57 -12.53 -9.62
N TRP D 215 -20.06 -11.30 -9.47
CA TRP D 215 -19.22 -11.07 -8.30
C TRP D 215 -19.98 -11.01 -6.98
N ARG D 216 -21.27 -10.65 -7.00
CA ARG D 216 -22.10 -10.63 -5.82
C ARG D 216 -22.35 -12.02 -5.24
N ASN D 217 -22.25 -13.04 -6.07
CA ASN D 217 -22.53 -14.40 -5.68
C ASN D 217 -21.36 -15.40 -5.72
N TYR D 218 -20.16 -14.85 -5.95
CA TYR D 218 -18.94 -15.61 -6.01
C TYR D 218 -18.50 -16.01 -4.60
N GLU D 219 -18.38 -17.33 -4.34
CA GLU D 219 -17.95 -17.81 -3.04
C GLU D 219 -16.46 -17.52 -2.84
N ARG D 220 -16.09 -17.34 -1.57
CA ARG D 220 -14.72 -16.97 -1.18
C ARG D 220 -13.55 -17.92 -1.40
N THR D 221 -13.81 -19.21 -1.38
CA THR D 221 -12.75 -20.21 -1.57
C THR D 221 -13.14 -21.20 -2.65
N SER D 222 -12.13 -21.91 -3.14
CA SER D 222 -12.32 -22.92 -4.17
C SER D 222 -13.31 -24.00 -3.78
N GLN D 223 -13.15 -24.56 -2.58
CA GLN D 223 -14.06 -25.61 -2.17
C GLN D 223 -15.52 -25.18 -2.28
N LEU D 224 -15.83 -24.00 -1.74
CA LEU D 224 -17.21 -23.51 -1.79
C LEU D 224 -17.64 -23.16 -3.21
N ARG D 225 -16.70 -22.66 -4.01
CA ARG D 225 -17.02 -22.33 -5.38
C ARG D 225 -17.34 -23.59 -6.21
N ASN D 226 -16.67 -24.69 -5.86
CA ASN D 226 -16.88 -25.96 -6.55
C ASN D 226 -18.34 -26.45 -6.48
N ASP D 227 -19.07 -26.00 -5.46
CA ASP D 227 -20.47 -26.33 -5.24
C ASP D 227 -21.39 -25.25 -5.82
N LYS D 228 -20.82 -24.32 -6.58
CA LYS D 228 -21.65 -23.22 -7.10
C LYS D 228 -21.17 -22.86 -8.51
N TYR D 229 -20.05 -22.14 -8.59
CA TYR D 229 -19.43 -21.81 -9.87
C TYR D 229 -18.06 -21.24 -9.62
N ASN D 230 -17.17 -21.52 -10.55
CA ASN D 230 -15.78 -21.08 -10.48
C ASN D 230 -15.36 -20.23 -11.68
N ASN D 231 -16.24 -20.13 -12.66
CA ASN D 231 -15.95 -19.34 -13.83
C ASN D 231 -17.26 -18.93 -14.44
N ILE D 232 -17.18 -18.07 -15.45
CA ILE D 232 -18.40 -17.56 -16.05
C ILE D 232 -19.35 -18.64 -16.64
N SER D 233 -18.77 -19.70 -17.16
CA SER D 233 -19.58 -20.81 -17.71
C SER D 233 -20.42 -21.50 -16.64
N GLU D 234 -19.77 -21.77 -15.51
CA GLU D 234 -20.45 -22.41 -14.40
C GLU D 234 -21.47 -21.48 -13.82
N TYR D 235 -21.17 -20.17 -13.83
CA TYR D 235 -22.15 -19.22 -13.32
C TYR D 235 -23.38 -19.22 -14.25
N ARG D 236 -23.19 -19.23 -15.57
CA ARG D 236 -24.35 -19.20 -16.45
C ARG D 236 -25.21 -20.48 -16.27
N ASN D 237 -24.55 -21.58 -15.94
CA ASN D 237 -25.27 -22.82 -15.67
C ASN D 237 -25.99 -22.66 -14.32
N TRP D 238 -25.36 -22.00 -13.34
CA TRP D 238 -25.98 -21.76 -12.02
C TRP D 238 -27.27 -20.93 -12.21
N ILE D 239 -27.23 -19.98 -13.15
CA ILE D 239 -28.39 -19.14 -13.42
C ILE D 239 -29.50 -20.07 -13.99
N TYR D 240 -29.12 -20.86 -14.95
CA TYR D 240 -30.07 -21.81 -15.56
C TYR D 240 -30.72 -22.70 -14.46
N ARG D 241 -29.92 -23.20 -13.50
CA ARG D 241 -30.47 -24.07 -12.44
C ARG D 241 -31.46 -23.37 -11.50
N GLY D 242 -31.53 -22.04 -11.61
CA GLY D 242 -32.44 -21.28 -10.78
C GLY D 242 -31.72 -20.64 -9.59
N ARG D 243 -30.44 -20.33 -9.79
CA ARG D 243 -29.61 -19.70 -8.75
C ARG D 243 -29.48 -20.57 -7.50
N LYS D 244 -29.15 -21.85 -7.72
CA LYS D 244 -28.99 -22.82 -6.65
C LYS D 244 -28.23 -24.02 -7.21
MG MG E . 8.23 -3.74 5.60
NA NA F . 3.63 -2.42 9.39
MG MG G . -8.42 2.40 -5.59
NA NA H . -6.56 -2.90 -7.87
#